data_5LTX
#
_entry.id   5LTX
#
_cell.length_a   71.680
_cell.length_b   76.555
_cell.length_c   116.504
_cell.angle_alpha   90.000
_cell.angle_beta   90.000
_cell.angle_gamma   90.000
#
_symmetry.space_group_name_H-M   'P 21 21 21'
#
loop_
_entity.id
_entity.type
_entity.pdbx_description
1 polymer 'Chemotaxis protein'
2 non-polymer METHIONINE
3 non-polymer 'ACETATE ION'
4 non-polymer GLYCEROL
5 non-polymer 'FORMIC ACID'
6 water water
#
_entity_poly.entity_id   1
_entity_poly.type   'polypeptide(L)'
_entity_poly.pdbx_seq_one_letter_code
;MGSSHHHHHHSSGLVPRGSHMNDYLQRNAIREDLESYLREMGDVTSSNIQNWLGGRLLLVEQTAQTLARDHSPETVSALL
EQPALTSTFSFTYLGQQDGVFTMRPDSPMPAGYDPRSRPWYKDAVAAGGLTLTEPYVDAATQELIITAATPVKAAGNTLG
VVGGDLSLKTLVQIINSLDFSGMGYAFLVSGDGKILVHPDKEQVMKTLSEVYPQNTPKIATGFSEAELHGHTRILAFTPI
KGLPSVTWYLALSIDKDKAYAMLSKFRVSA
;
_entity_poly.pdbx_strand_id   A,B
#
# COMPACT_ATOMS: atom_id res chain seq x y z
N ASN A 22 -29.88 18.69 27.64
CA ASN A 22 -28.99 18.01 28.58
C ASN A 22 -27.57 17.99 28.05
N ASP A 23 -26.66 18.64 28.78
CA ASP A 23 -25.28 18.74 28.30
CA ASP A 23 -25.27 18.74 28.31
C ASP A 23 -24.56 17.40 28.32
N TYR A 24 -24.94 16.49 29.21
CA TYR A 24 -24.27 15.19 29.28
C TYR A 24 -24.63 14.34 28.07
N LEU A 25 -25.91 14.27 27.73
CA LEU A 25 -26.33 13.51 26.55
C LEU A 25 -25.77 14.13 25.27
N GLN A 26 -25.76 15.47 25.19
N GLN A 26 -25.77 15.47 25.18
CA GLN A 26 -25.19 16.12 24.02
CA GLN A 26 -25.23 16.13 24.01
C GLN A 26 -23.69 15.89 23.94
C GLN A 26 -23.72 15.91 23.92
N ARG A 27 -23.01 15.86 25.09
N ARG A 27 -23.03 15.90 25.06
CA ARG A 27 -21.57 15.62 25.10
CA ARG A 27 -21.60 15.62 25.05
C ARG A 27 -21.26 14.19 24.68
C ARG A 27 -21.32 14.20 24.59
N ASN A 28 -22.10 13.24 25.07
CA ASN A 28 -21.91 11.86 24.63
C ASN A 28 -22.28 11.68 23.17
N ALA A 29 -23.30 12.39 22.69
CA ALA A 29 -23.64 12.31 21.28
C ALA A 29 -22.47 12.76 20.41
N ILE A 30 -21.81 13.86 20.79
N ILE A 30 -21.81 13.86 20.79
CA ILE A 30 -20.67 14.34 20.03
CA ILE A 30 -20.67 14.34 20.03
C ILE A 30 -19.50 13.38 20.14
C ILE A 30 -19.51 13.37 20.14
N ARG A 31 -19.23 12.89 21.36
CA ARG A 31 -18.11 11.98 21.56
C ARG A 31 -18.26 10.70 20.74
N GLU A 32 -19.46 10.11 20.72
CA GLU A 32 -19.67 8.90 19.94
C GLU A 32 -19.48 9.16 18.46
N ASP A 33 -19.97 10.29 17.95
CA ASP A 33 -19.76 10.62 16.54
C ASP A 33 -18.27 10.78 16.25
N LEU A 34 -17.53 11.48 17.13
CA LEU A 34 -16.12 11.67 16.90
C LEU A 34 -15.36 10.35 16.96
N GLU A 35 -15.66 9.50 17.94
CA GLU A 35 -15.01 8.21 18.04
C GLU A 35 -15.32 7.33 16.83
N SER A 36 -16.54 7.43 16.30
CA SER A 36 -16.87 6.68 15.09
C SER A 36 -16.01 7.16 13.92
N TYR A 37 -15.83 8.47 13.79
CA TYR A 37 -15.00 9.01 12.73
C TYR A 37 -13.53 8.60 12.92
N LEU A 38 -13.05 8.66 14.17
CA LEU A 38 -11.66 8.30 14.44
C LEU A 38 -11.42 6.82 14.22
N ARG A 39 -12.40 5.99 14.51
CA ARG A 39 -12.27 4.59 14.28
C ARG A 39 -12.12 4.33 12.80
N GLU A 40 -12.89 5.05 12.01
CA GLU A 40 -12.81 4.93 10.56
C GLU A 40 -11.46 5.39 10.02
N MET A 41 -10.97 6.54 10.50
CA MET A 41 -9.67 7.04 10.03
C MET A 41 -8.56 6.12 10.47
N GLY A 42 -8.63 5.60 11.69
CA GLY A 42 -7.61 4.68 12.16
C GLY A 42 -7.56 3.40 11.35
N ASP A 43 -8.74 2.83 11.03
CA ASP A 43 -8.77 1.61 10.24
C ASP A 43 -8.15 1.80 8.87
N VAL A 44 -8.52 2.87 8.16
CA VAL A 44 -8.03 3.05 6.81
C VAL A 44 -6.54 3.38 6.81
N THR A 45 -6.09 4.22 7.76
CA THR A 45 -4.67 4.53 7.81
C THR A 45 -3.85 3.30 8.16
N SER A 46 -4.33 2.51 9.12
CA SER A 46 -3.64 1.25 9.44
C SER A 46 -3.59 0.33 8.22
N SER A 47 -4.70 0.25 7.48
CA SER A 47 -4.69 -0.53 6.25
CA SER A 47 -4.69 -0.54 6.25
C SER A 47 -3.68 0.01 5.25
N ASN A 48 -3.58 1.32 5.17
CA ASN A 48 -2.66 1.92 4.25
C ASN A 48 -1.22 1.61 4.56
N ILE A 49 -0.80 1.75 5.81
CA ILE A 49 0.57 1.45 6.19
C ILE A 49 0.82 -0.06 6.14
N GLN A 50 -0.22 -0.86 6.37
CA GLN A 50 -0.06 -2.31 6.26
C GLN A 50 0.25 -2.72 4.82
N ASN A 51 -0.49 -2.15 3.87
CA ASN A 51 -0.24 -2.46 2.46
C ASN A 51 1.09 -1.88 2.00
N TRP A 52 1.43 -0.68 2.46
CA TRP A 52 2.70 -0.07 2.06
C TRP A 52 3.88 -0.88 2.57
N LEU A 53 3.89 -1.19 3.88
CA LEU A 53 4.96 -2.02 4.42
C LEU A 53 4.97 -3.41 3.79
N GLY A 54 3.78 -3.95 3.50
CA GLY A 54 3.71 -5.28 2.93
C GLY A 54 4.39 -5.40 1.58
N GLY A 55 4.23 -4.39 0.73
CA GLY A 55 4.88 -4.43 -0.57
C GLY A 55 6.39 -4.37 -0.45
N ARG A 56 6.88 -3.56 0.50
CA ARG A 56 8.32 -3.53 0.78
C ARG A 56 8.81 -4.86 1.32
N LEU A 57 8.04 -5.49 2.21
CA LEU A 57 8.39 -6.81 2.71
C LEU A 57 8.45 -7.83 1.58
N LEU A 58 7.43 -7.83 0.70
CA LEU A 58 7.40 -8.80 -0.40
C LEU A 58 8.53 -8.56 -1.40
N LEU A 59 8.91 -7.30 -1.60
CA LEU A 59 10.04 -7.02 -2.48
C LEU A 59 11.33 -7.60 -1.90
N VAL A 60 11.53 -7.44 -0.59
CA VAL A 60 12.67 -8.07 0.09
C VAL A 60 12.58 -9.59 0.00
N GLU A 61 11.39 -10.16 0.19
CA GLU A 61 11.23 -11.60 0.09
C GLU A 61 11.54 -12.08 -1.33
N GLN A 62 11.06 -11.34 -2.32
CA GLN A 62 11.31 -11.70 -3.71
C GLN A 62 12.80 -11.67 -4.02
N THR A 63 13.52 -10.69 -3.48
CA THR A 63 14.96 -10.61 -3.70
C THR A 63 15.69 -11.78 -3.07
N ALA A 64 15.30 -12.16 -1.84
CA ALA A 64 15.96 -13.27 -1.17
C ALA A 64 15.78 -14.57 -1.93
N GLN A 65 14.56 -14.87 -2.37
CA GLN A 65 14.34 -16.15 -3.03
C GLN A 65 14.97 -16.21 -4.41
N THR A 66 15.12 -15.07 -5.08
CA THR A 66 15.93 -15.04 -6.31
C THR A 66 17.39 -15.34 -6.00
N LEU A 67 17.93 -14.74 -4.93
CA LEU A 67 19.32 -14.99 -4.54
C LEU A 67 19.53 -16.43 -4.06
N ALA A 68 18.50 -17.03 -3.46
CA ALA A 68 18.65 -18.40 -2.96
C ALA A 68 19.06 -19.36 -4.06
N ARG A 69 18.64 -19.09 -5.30
N ARG A 69 18.67 -19.10 -5.32
CA ARG A 69 18.96 -19.92 -6.45
CA ARG A 69 19.01 -19.99 -6.42
C ARG A 69 20.28 -19.55 -7.09
C ARG A 69 20.15 -19.46 -7.29
N ASP A 70 20.69 -18.29 -6.98
CA ASP A 70 21.91 -17.81 -7.63
C ASP A 70 22.47 -16.65 -6.81
N HIS A 71 23.56 -16.91 -6.10
CA HIS A 71 24.18 -15.90 -5.25
C HIS A 71 25.64 -15.65 -5.62
N SER A 72 25.99 -15.82 -6.89
CA SER A 72 27.32 -15.47 -7.35
C SER A 72 27.53 -13.97 -7.22
N PRO A 73 28.77 -13.53 -6.97
CA PRO A 73 29.02 -12.09 -6.79
C PRO A 73 28.51 -11.23 -7.94
N GLU A 74 28.64 -11.68 -9.18
N GLU A 74 28.64 -11.69 -9.18
CA GLU A 74 28.15 -10.89 -10.31
CA GLU A 74 28.15 -10.92 -10.31
C GLU A 74 26.63 -10.79 -10.28
C GLU A 74 26.64 -10.80 -10.28
N THR A 75 25.94 -11.87 -9.92
CA THR A 75 24.49 -11.84 -9.86
C THR A 75 24.01 -11.02 -8.67
N VAL A 76 24.65 -11.17 -7.51
CA VAL A 76 24.28 -10.38 -6.34
C VAL A 76 24.35 -8.89 -6.66
N SER A 77 25.44 -8.47 -7.30
CA SER A 77 25.62 -7.06 -7.63
C SER A 77 24.54 -6.59 -8.59
N ALA A 78 24.30 -7.33 -9.67
CA ALA A 78 23.33 -6.90 -10.66
C ALA A 78 21.93 -6.83 -10.08
N LEU A 79 21.55 -7.80 -9.26
CA LEU A 79 20.20 -7.82 -8.69
C LEU A 79 19.98 -6.62 -7.78
N LEU A 80 20.94 -6.34 -6.87
CA LEU A 80 20.77 -5.24 -5.94
C LEU A 80 20.77 -3.88 -6.63
N GLU A 81 21.32 -3.79 -7.83
CA GLU A 81 21.35 -2.55 -8.59
C GLU A 81 20.09 -2.34 -9.43
N GLN A 82 19.14 -3.28 -9.41
CA GLN A 82 17.94 -3.12 -10.20
C GLN A 82 17.11 -1.93 -9.67
N PRO A 83 16.59 -1.07 -10.55
CA PRO A 83 15.96 0.17 -10.06
C PRO A 83 14.69 -0.03 -9.27
N ALA A 84 14.01 -1.17 -9.41
CA ALA A 84 12.89 -1.45 -8.51
C ALA A 84 13.36 -1.46 -7.05
N LEU A 85 14.58 -1.89 -6.80
CA LEU A 85 15.15 -1.89 -5.47
C LEU A 85 15.75 -0.54 -5.10
N THR A 86 16.58 0.05 -5.97
CA THR A 86 17.26 1.27 -5.58
C THR A 86 16.30 2.44 -5.46
N SER A 87 15.17 2.42 -6.15
CA SER A 87 14.21 3.49 -6.02
C SER A 87 13.25 3.28 -4.84
N THR A 88 13.19 2.07 -4.28
CA THR A 88 12.28 1.79 -3.18
C THR A 88 12.97 1.94 -1.82
N PHE A 89 14.20 1.46 -1.69
CA PHE A 89 14.92 1.48 -0.43
C PHE A 89 16.11 2.43 -0.54
N SER A 90 16.52 2.99 0.60
CA SER A 90 17.76 3.78 0.61
CA SER A 90 17.75 3.78 0.58
C SER A 90 18.94 2.91 0.21
N PHE A 91 19.00 1.70 0.77
CA PHE A 91 20.00 0.69 0.43
C PHE A 91 19.35 -0.67 0.48
N THR A 92 19.82 -1.57 -0.38
CA THR A 92 19.47 -2.99 -0.31
C THR A 92 20.77 -3.78 -0.22
N TYR A 93 20.76 -4.87 0.54
CA TYR A 93 22.03 -5.54 0.80
C TYR A 93 21.82 -7.01 1.15
N LEU A 94 22.90 -7.77 0.98
CA LEU A 94 22.98 -9.16 1.40
C LEU A 94 24.14 -9.32 2.38
N GLY A 95 23.84 -9.76 3.59
CA GLY A 95 24.87 -10.23 4.52
C GLY A 95 24.85 -11.75 4.53
N GLN A 96 26.01 -12.34 4.33
CA GLN A 96 26.10 -13.78 4.18
C GLN A 96 26.46 -14.44 5.51
N GLN A 97 26.27 -15.76 5.55
N GLN A 97 26.27 -15.76 5.56
CA GLN A 97 26.56 -16.53 6.76
CA GLN A 97 26.56 -16.52 6.77
C GLN A 97 28.02 -16.43 7.16
C GLN A 97 28.03 -16.44 7.16
N ASP A 98 28.92 -16.27 6.18
CA ASP A 98 30.35 -16.16 6.45
C ASP A 98 30.78 -14.72 6.73
N GLY A 99 29.84 -13.79 6.86
CA GLY A 99 30.15 -12.41 7.18
C GLY A 99 30.31 -11.48 6.00
N VAL A 100 30.34 -12.00 4.77
CA VAL A 100 30.54 -11.18 3.59
C VAL A 100 29.31 -10.30 3.36
N PHE A 101 29.53 -9.05 2.98
CA PHE A 101 28.47 -8.05 2.86
C PHE A 101 28.56 -7.32 1.53
N THR A 102 27.42 -7.24 0.84
CA THR A 102 27.29 -6.58 -0.46
C THR A 102 26.10 -5.65 -0.41
N MET A 103 26.31 -4.37 -0.72
CA MET A 103 25.25 -3.36 -0.56
C MET A 103 25.23 -2.44 -1.77
N ARG A 104 24.01 -2.08 -2.19
CA ARG A 104 23.82 -1.13 -3.27
C ARG A 104 22.72 -0.10 -2.90
N PRO A 105 22.94 1.17 -3.23
CA PRO A 105 24.11 1.77 -3.88
C PRO A 105 25.34 1.70 -2.98
N ASP A 106 26.53 1.95 -3.52
N ASP A 106 26.51 2.00 -3.55
CA ASP A 106 27.73 1.80 -2.71
CA ASP A 106 27.74 1.96 -2.76
C ASP A 106 27.80 2.90 -1.65
C ASP A 106 27.65 2.89 -1.56
N SER A 107 28.39 2.54 -0.52
CA SER A 107 28.52 3.39 0.65
C SER A 107 29.87 3.09 1.28
N PRO A 108 30.57 4.10 1.79
CA PRO A 108 31.78 3.82 2.57
C PRO A 108 31.45 2.93 3.75
N MET A 109 32.41 2.08 4.14
CA MET A 109 32.12 1.08 5.15
C MET A 109 32.81 1.41 6.47
N PRO A 110 32.10 1.33 7.58
CA PRO A 110 32.74 1.55 8.88
C PRO A 110 33.61 0.37 9.27
N ALA A 111 34.69 0.66 9.97
CA ALA A 111 35.62 -0.39 10.39
C ALA A 111 34.93 -1.39 11.33
N GLY A 112 35.32 -2.65 11.22
CA GLY A 112 34.82 -3.68 12.10
C GLY A 112 33.41 -4.14 11.85
N TYR A 113 32.83 -3.80 10.71
CA TYR A 113 31.44 -4.15 10.44
C TYR A 113 31.29 -5.65 10.22
N ASP A 114 30.24 -6.22 10.82
CA ASP A 114 29.85 -7.61 10.64
C ASP A 114 28.34 -7.66 10.49
N PRO A 115 27.81 -7.97 9.31
CA PRO A 115 26.35 -7.97 9.15
C PRO A 115 25.64 -8.87 10.13
N ARG A 116 26.29 -9.96 10.56
CA ARG A 116 25.62 -10.93 11.44
C ARG A 116 25.35 -10.38 12.83
N SER A 117 26.09 -9.36 13.27
CA SER A 117 25.84 -8.77 14.59
C SER A 117 24.75 -7.72 14.57
N ARG A 118 24.16 -7.42 13.39
CA ARG A 118 23.32 -6.24 13.26
C ARG A 118 21.86 -6.58 13.59
N PRO A 119 21.09 -5.58 14.02
CA PRO A 119 19.69 -5.87 14.43
C PRO A 119 18.86 -6.50 13.33
N TRP A 120 18.99 -6.04 12.09
CA TRP A 120 18.21 -6.59 10.99
C TRP A 120 18.55 -8.05 10.75
N TYR A 121 19.82 -8.43 10.89
CA TYR A 121 20.22 -9.81 10.64
C TYR A 121 19.71 -10.74 11.73
N LYS A 122 19.89 -10.34 13.00
CA LYS A 122 19.45 -11.20 14.09
CA LYS A 122 19.45 -11.17 14.11
C LYS A 122 17.93 -11.28 14.13
N ASP A 123 17.22 -10.18 13.84
CA ASP A 123 15.76 -10.19 13.85
C ASP A 123 15.21 -11.16 12.82
N ALA A 124 15.79 -11.13 11.61
CA ALA A 124 15.33 -12.03 10.56
C ALA A 124 15.59 -13.48 10.94
N VAL A 125 16.78 -13.76 11.46
CA VAL A 125 17.12 -15.11 11.88
C VAL A 125 16.22 -15.56 13.02
N ALA A 126 16.02 -14.70 14.03
CA ALA A 126 15.16 -15.05 15.15
C ALA A 126 13.71 -15.21 14.72
N ALA A 127 13.27 -14.43 13.73
CA ALA A 127 11.90 -14.55 13.23
C ALA A 127 11.70 -15.78 12.37
N GLY A 128 12.74 -16.31 11.75
CA GLY A 128 12.56 -17.41 10.82
C GLY A 128 11.81 -17.03 9.56
N GLY A 129 11.88 -15.76 9.17
CA GLY A 129 11.15 -15.29 8.01
C GLY A 129 11.20 -13.78 7.95
N LEU A 130 10.40 -13.22 7.05
N LEU A 130 10.40 -13.23 7.03
CA LEU A 130 10.44 -11.78 6.82
CA LEU A 130 10.26 -11.79 6.87
C LEU A 130 9.87 -11.02 8.02
C LEU A 130 9.97 -11.12 8.20
N THR A 131 10.53 -9.93 8.39
CA THR A 131 10.15 -9.10 9.52
C THR A 131 10.63 -7.67 9.29
N LEU A 132 10.27 -6.79 10.22
CA LEU A 132 10.69 -5.39 10.24
C LEU A 132 11.39 -5.10 11.55
N THR A 133 12.46 -4.32 11.50
CA THR A 133 13.09 -3.89 12.74
C THR A 133 12.37 -2.66 13.27
N GLU A 134 12.49 -2.44 14.58
CA GLU A 134 12.28 -1.10 15.11
C GLU A 134 13.41 -0.20 14.62
N PRO A 135 13.25 1.12 14.74
CA PRO A 135 14.39 2.00 14.43
C PRO A 135 15.62 1.63 15.23
N TYR A 136 16.76 1.60 14.55
CA TYR A 136 18.05 1.35 15.17
C TYR A 136 19.09 2.28 14.54
N VAL A 137 20.23 2.41 15.21
CA VAL A 137 21.29 3.32 14.77
C VAL A 137 22.05 2.68 13.61
N ASP A 138 21.90 3.24 12.41
CA ASP A 138 22.62 2.76 11.24
C ASP A 138 24.12 2.76 11.50
N ALA A 139 24.81 1.70 11.04
CA ALA A 139 26.22 1.56 11.33
C ALA A 139 27.07 2.55 10.54
N ALA A 140 26.64 2.94 9.35
CA ALA A 140 27.40 3.87 8.53
C ALA A 140 27.06 5.33 8.83
N THR A 141 25.78 5.68 8.90
CA THR A 141 25.38 7.06 9.08
C THR A 141 25.17 7.46 10.53
N GLN A 142 25.16 6.50 11.45
N GLN A 142 25.17 6.51 11.46
CA GLN A 142 24.90 6.75 12.88
CA GLN A 142 24.87 6.77 12.87
C GLN A 142 23.56 7.46 13.09
C GLN A 142 23.52 7.46 13.05
N GLU A 143 22.61 7.25 12.18
N GLU A 143 22.60 7.22 12.12
CA GLU A 143 21.27 7.78 12.28
CA GLU A 143 21.25 7.75 12.16
C GLU A 143 20.27 6.62 12.38
C GLU A 143 20.25 6.62 12.32
N LEU A 144 19.05 6.95 12.80
CA LEU A 144 18.01 5.95 12.94
C LEU A 144 17.49 5.51 11.58
N ILE A 145 17.26 4.20 11.44
CA ILE A 145 16.77 3.62 10.21
C ILE A 145 15.89 2.42 10.57
N ILE A 146 14.94 2.09 9.69
CA ILE A 146 14.13 0.88 9.78
C ILE A 146 14.50 -0.03 8.62
N THR A 147 14.41 -1.35 8.84
CA THR A 147 14.85 -2.32 7.84
C THR A 147 13.84 -3.44 7.69
N ALA A 148 13.49 -3.74 6.44
CA ALA A 148 12.74 -4.94 6.11
C ALA A 148 13.77 -6.03 5.77
N ALA A 149 13.68 -7.18 6.44
CA ALA A 149 14.73 -8.19 6.35
C ALA A 149 14.13 -9.58 6.30
N THR A 150 14.83 -10.50 5.65
CA THR A 150 14.40 -11.88 5.62
C THR A 150 15.58 -12.78 5.36
N PRO A 151 15.58 -13.99 5.90
CA PRO A 151 16.67 -14.93 5.62
C PRO A 151 16.63 -15.41 4.18
N VAL A 152 17.80 -15.81 3.68
CA VAL A 152 17.92 -16.47 2.39
C VAL A 152 18.06 -17.96 2.68
N LYS A 153 17.05 -18.75 2.30
CA LYS A 153 17.00 -20.16 2.61
CA LYS A 153 17.00 -20.17 2.61
C LYS A 153 17.10 -20.99 1.35
N ALA A 154 17.93 -22.03 1.41
CA ALA A 154 18.12 -22.94 0.28
C ALA A 154 18.33 -24.33 0.86
N ALA A 155 17.33 -25.20 0.70
CA ALA A 155 17.38 -26.58 1.20
C ALA A 155 17.59 -26.60 2.72
N GLY A 156 16.85 -25.76 3.43
CA GLY A 156 16.97 -25.71 4.89
C GLY A 156 18.11 -24.86 5.36
N ASN A 157 19.17 -24.76 4.56
CA ASN A 157 20.32 -23.92 4.90
C ASN A 157 19.92 -22.45 4.92
N THR A 158 20.48 -21.70 5.85
CA THR A 158 20.37 -20.25 5.87
C THR A 158 21.70 -19.68 5.39
N LEU A 159 21.69 -19.14 4.16
CA LEU A 159 22.92 -18.60 3.58
C LEU A 159 23.20 -17.17 4.04
N GLY A 160 22.18 -16.47 4.52
CA GLY A 160 22.35 -15.07 4.87
C GLY A 160 21.00 -14.41 5.04
N VAL A 161 21.03 -13.08 5.03
CA VAL A 161 19.83 -12.26 5.21
C VAL A 161 19.90 -11.09 4.23
N VAL A 162 18.80 -10.84 3.52
CA VAL A 162 18.65 -9.65 2.71
C VAL A 162 17.93 -8.59 3.53
N GLY A 163 18.43 -7.35 3.48
CA GLY A 163 17.77 -6.25 4.14
C GLY A 163 17.50 -5.12 3.18
N GLY A 164 16.41 -4.40 3.46
CA GLY A 164 16.09 -3.17 2.75
C GLY A 164 15.79 -2.03 3.70
N ASP A 165 16.57 -0.94 3.62
CA ASP A 165 16.44 0.16 4.58
C ASP A 165 15.37 1.16 4.16
N LEU A 166 14.62 1.65 5.14
CA LEU A 166 13.57 2.64 4.96
C LEU A 166 13.77 3.78 5.94
N SER A 167 13.66 5.01 5.44
N SER A 167 13.64 5.01 5.45
CA SER A 167 13.77 6.18 6.31
CA SER A 167 13.77 6.17 6.31
C SER A 167 12.50 6.34 7.14
C SER A 167 12.50 6.36 7.13
N LEU A 168 12.67 6.80 8.38
CA LEU A 168 11.52 7.03 9.24
C LEU A 168 10.62 8.13 8.68
N LYS A 169 11.22 9.12 8.02
CA LYS A 169 10.43 10.19 7.41
C LYS A 169 9.46 9.64 6.39
N THR A 170 9.89 8.64 5.60
CA THR A 170 9.02 8.04 4.61
C THR A 170 7.78 7.44 5.26
N LEU A 171 7.95 6.75 6.39
CA LEU A 171 6.81 6.16 7.07
C LEU A 171 5.89 7.23 7.66
N VAL A 172 6.46 8.34 8.14
CA VAL A 172 5.63 9.43 8.67
C VAL A 172 4.71 9.96 7.58
N GLN A 173 5.24 10.08 6.36
CA GLN A 173 4.44 10.64 5.26
C GLN A 173 3.31 9.70 4.85
N ILE A 174 3.53 8.39 4.89
CA ILE A 174 2.49 7.44 4.49
C ILE A 174 1.34 7.48 5.50
N ILE A 175 1.65 7.44 6.80
CA ILE A 175 0.59 7.43 7.80
C ILE A 175 -0.05 8.79 7.98
N ASN A 176 0.56 9.86 7.46
CA ASN A 176 -0.06 11.18 7.49
C ASN A 176 -0.51 11.63 6.11
N SER A 177 -0.88 10.69 5.24
CA SER A 177 -1.42 11.04 3.93
C SER A 177 -2.75 11.80 4.07
N LEU A 178 -3.59 11.34 5.00
CA LEU A 178 -4.83 12.04 5.33
C LEU A 178 -4.56 13.11 6.37
N ASP A 179 -5.22 14.26 6.23
CA ASP A 179 -5.05 15.36 7.18
C ASP A 179 -5.98 15.26 8.38
N PHE A 180 -6.88 14.28 8.40
CA PHE A 180 -7.84 14.09 9.50
C PHE A 180 -8.60 15.39 9.81
N SER A 181 -8.96 16.12 8.75
CA SER A 181 -9.69 17.38 8.86
C SER A 181 -8.94 18.41 9.72
N GLY A 182 -7.61 18.30 9.77
CA GLY A 182 -6.84 19.20 10.58
C GLY A 182 -6.98 19.02 12.08
N MET A 183 -7.62 17.93 12.52
CA MET A 183 -7.80 17.68 13.94
C MET A 183 -6.53 17.19 14.63
N GLY A 184 -5.57 16.63 13.87
CA GLY A 184 -4.41 16.03 14.50
C GLY A 184 -3.51 15.33 13.51
N TYR A 185 -2.85 14.28 13.99
CA TYR A 185 -1.77 13.63 13.26
C TYR A 185 -1.68 12.17 13.68
N ALA A 186 -0.93 11.39 12.90
CA ALA A 186 -0.72 9.98 13.18
C ALA A 186 0.73 9.69 13.50
N PHE A 187 0.96 8.69 14.37
CA PHE A 187 2.29 8.17 14.62
C PHE A 187 2.20 6.66 14.84
N LEU A 188 3.37 6.01 14.90
CA LEU A 188 3.46 4.58 15.12
C LEU A 188 4.05 4.29 16.49
N VAL A 189 3.49 3.29 17.18
CA VAL A 189 3.96 2.94 18.51
C VAL A 189 3.94 1.43 18.66
N SER A 190 4.94 0.88 19.35
CA SER A 190 4.96 -0.55 19.59
C SER A 190 3.98 -0.92 20.69
N GLY A 191 3.68 -2.22 20.79
CA GLY A 191 2.83 -2.69 21.87
C GLY A 191 3.42 -2.44 23.25
N ASP A 192 4.76 -2.35 23.33
N ASP A 192 4.76 -2.35 23.33
CA ASP A 192 5.46 -2.00 24.55
CA ASP A 192 5.41 -2.00 24.59
C ASP A 192 5.30 -0.53 24.92
C ASP A 192 5.29 -0.52 24.93
N GLY A 193 4.76 0.29 24.02
CA GLY A 193 4.61 1.71 24.25
C GLY A 193 5.72 2.58 23.71
N LYS A 194 6.59 2.06 22.85
CA LYS A 194 7.73 2.79 22.32
CA LYS A 194 7.72 2.80 22.33
C LYS A 194 7.32 3.51 21.03
N ILE A 195 7.46 4.83 21.01
CA ILE A 195 7.12 5.59 19.82
C ILE A 195 8.20 5.36 18.77
N LEU A 196 7.81 4.81 17.62
CA LEU A 196 8.74 4.38 16.58
C LEU A 196 8.96 5.44 15.50
N VAL A 197 7.86 6.10 15.09
N VAL A 197 7.90 6.04 14.96
CA VAL A 197 7.85 7.06 14.01
CA VAL A 197 7.98 7.14 14.01
C VAL A 197 6.86 8.16 14.38
C VAL A 197 6.98 8.17 14.51
N HIS A 198 7.28 9.43 14.27
CA HIS A 198 6.47 10.52 14.80
C HIS A 198 6.77 11.80 14.03
N PRO A 199 5.75 12.62 13.73
CA PRO A 199 6.03 13.90 13.03
C PRO A 199 6.98 14.79 13.80
N ASP A 200 6.97 14.72 15.12
CA ASP A 200 7.92 15.44 15.97
C ASP A 200 9.13 14.53 16.18
N LYS A 201 10.26 14.88 15.56
N LYS A 201 10.26 14.87 15.55
CA LYS A 201 11.47 14.07 15.69
CA LYS A 201 11.45 14.05 15.65
C LYS A 201 11.89 13.90 17.15
C LYS A 201 11.91 13.88 17.10
N GLU A 202 11.54 14.87 18.01
N GLU A 202 11.58 14.83 17.98
CA GLU A 202 11.94 14.81 19.41
CA GLU A 202 12.01 14.72 19.38
C GLU A 202 11.23 13.70 20.18
C GLU A 202 11.28 13.62 20.13
N GLN A 203 10.10 13.21 19.68
CA GLN A 203 9.36 12.14 20.35
C GLN A 203 9.76 10.75 19.88
N VAL A 204 10.61 10.64 18.86
CA VAL A 204 10.97 9.34 18.30
C VAL A 204 11.79 8.57 19.33
N MET A 205 11.41 7.31 19.54
CA MET A 205 12.02 6.35 20.46
C MET A 205 11.81 6.73 21.94
N LYS A 206 10.98 7.69 22.23
N LYS A 206 10.96 7.69 22.22
CA LYS A 206 10.49 7.93 23.57
CA LYS A 206 10.44 7.87 23.58
C LYS A 206 9.28 7.00 23.84
C LYS A 206 9.26 6.93 23.81
N THR A 207 8.91 6.73 25.07
CA THR A 207 7.75 5.93 25.43
C THR A 207 6.55 6.81 25.70
N LEU A 208 5.35 6.21 25.66
CA LEU A 208 4.14 6.95 26.02
C LEU A 208 4.21 7.45 27.45
N SER A 209 4.87 6.72 28.35
CA SER A 209 5.01 7.17 29.73
C SER A 209 5.90 8.41 29.82
N GLU A 210 6.94 8.48 29.00
CA GLU A 210 7.80 9.65 29.02
C GLU A 210 7.10 10.87 28.41
N VAL A 211 6.27 10.65 27.39
CA VAL A 211 5.56 11.76 26.77
C VAL A 211 4.37 12.20 27.63
N TYR A 212 3.71 11.24 28.28
CA TYR A 212 2.56 11.49 29.15
C TYR A 212 2.83 10.89 30.52
N PRO A 213 3.62 11.54 31.36
CA PRO A 213 4.00 10.93 32.64
C PRO A 213 2.87 10.83 33.66
N GLN A 214 1.88 11.72 33.61
N GLN A 214 1.90 11.76 33.64
CA GLN A 214 0.85 11.74 34.64
CA GLN A 214 0.84 11.73 34.64
C GLN A 214 -0.29 10.75 34.35
C GLN A 214 -0.22 10.68 34.28
N ASN A 215 -1.01 10.95 33.25
CA ASN A 215 -2.10 10.09 32.84
CA ASN A 215 -2.09 10.08 32.84
C ASN A 215 -1.72 9.47 31.49
N THR A 216 -0.99 8.37 31.54
CA THR A 216 -0.47 7.78 30.31
C THR A 216 -1.60 7.08 29.53
N PRO A 217 -1.75 7.35 28.24
CA PRO A 217 -2.73 6.62 27.45
C PRO A 217 -2.39 5.14 27.41
N LYS A 218 -3.43 4.31 27.50
CA LYS A 218 -3.29 2.86 27.41
C LYS A 218 -3.62 2.41 25.99
N ILE A 219 -2.75 1.60 25.41
CA ILE A 219 -2.96 1.16 24.03
C ILE A 219 -4.22 0.31 23.93
N ALA A 220 -4.45 -0.58 24.89
CA ALA A 220 -5.58 -1.50 24.80
C ALA A 220 -6.93 -0.77 24.89
N THR A 221 -7.00 0.27 25.71
CA THR A 221 -8.23 1.04 25.85
C THR A 221 -8.56 1.74 24.53
N GLY A 222 -9.84 1.74 24.18
CA GLY A 222 -10.29 2.35 22.94
C GLY A 222 -9.80 3.78 22.73
N PHE A 223 -10.25 4.70 23.55
CA PHE A 223 -9.92 6.11 23.40
C PHE A 223 -9.45 6.65 24.74
N SER A 224 -8.29 7.30 24.73
CA SER A 224 -7.71 7.90 25.92
C SER A 224 -7.62 9.41 25.75
N GLU A 225 -7.76 10.13 26.86
N GLU A 225 -7.72 10.11 26.87
CA GLU A 225 -7.59 11.57 26.88
CA GLU A 225 -7.60 11.55 26.93
C GLU A 225 -6.36 11.91 27.69
C GLU A 225 -6.35 11.91 27.71
N ALA A 226 -5.53 12.81 27.16
CA ALA A 226 -4.30 13.22 27.84
C ALA A 226 -3.95 14.65 27.43
N GLU A 227 -2.96 15.21 28.10
CA GLU A 227 -2.57 16.60 27.92
CA GLU A 227 -2.57 16.60 27.93
C GLU A 227 -1.17 16.67 27.34
N LEU A 228 -1.04 17.36 26.21
CA LEU A 228 0.25 17.50 25.53
C LEU A 228 0.44 18.97 25.18
N HIS A 229 1.52 19.54 25.64
CA HIS A 229 1.85 20.90 25.31
C HIS A 229 0.74 21.90 25.61
N GLY A 230 0.02 21.72 26.69
CA GLY A 230 -0.99 22.66 27.11
C GLY A 230 -2.38 22.43 26.55
N HIS A 231 -2.59 21.37 25.76
CA HIS A 231 -3.89 21.11 25.15
C HIS A 231 -4.30 19.67 25.39
N THR A 232 -5.59 19.46 25.64
CA THR A 232 -6.12 18.12 25.79
C THR A 232 -6.20 17.44 24.44
N ARG A 233 -5.71 16.19 24.39
CA ARG A 233 -5.70 15.43 23.16
C ARG A 233 -6.43 14.10 23.36
N ILE A 234 -7.02 13.59 22.28
CA ILE A 234 -7.63 12.27 22.26
C ILE A 234 -6.71 11.34 21.50
N LEU A 235 -6.36 10.21 22.10
CA LEU A 235 -5.51 9.21 21.48
C LEU A 235 -6.30 7.93 21.24
N ALA A 236 -6.10 7.33 20.07
CA ALA A 236 -6.72 6.08 19.68
C ALA A 236 -5.72 5.23 18.91
N PHE A 237 -5.64 3.95 19.25
CA PHE A 237 -4.63 3.05 18.71
C PHE A 237 -5.29 1.95 17.89
N THR A 238 -4.77 1.71 16.69
CA THR A 238 -5.32 0.69 15.80
C THR A 238 -4.23 -0.33 15.47
N PRO A 239 -4.42 -1.61 15.73
CA PRO A 239 -3.39 -2.59 15.37
C PRO A 239 -3.15 -2.60 13.87
N ILE A 240 -1.91 -2.86 13.49
CA ILE A 240 -1.52 -3.00 12.09
C ILE A 240 -1.34 -4.48 11.81
N LYS A 241 -2.18 -5.03 10.92
CA LYS A 241 -2.11 -6.44 10.60
CA LYS A 241 -2.13 -6.44 10.58
C LYS A 241 -1.05 -6.68 9.51
N GLY A 242 -0.79 -7.96 9.26
CA GLY A 242 0.14 -8.35 8.21
C GLY A 242 1.58 -7.91 8.42
N LEU A 243 2.03 -7.85 9.67
CA LEU A 243 3.42 -7.48 9.98
C LEU A 243 4.04 -8.61 10.79
N PRO A 244 4.74 -9.55 10.16
CA PRO A 244 5.24 -10.74 10.89
C PRO A 244 6.26 -10.35 11.97
N SER A 245 6.02 -10.86 13.18
CA SER A 245 6.91 -10.81 14.34
C SER A 245 7.05 -9.43 14.96
N VAL A 246 6.19 -8.48 14.61
CA VAL A 246 6.10 -7.21 15.32
C VAL A 246 4.64 -6.94 15.67
N THR A 247 4.44 -6.23 16.78
CA THR A 247 3.13 -5.82 17.24
C THR A 247 3.16 -4.29 17.29
N TRP A 248 2.78 -3.65 16.19
CA TRP A 248 2.78 -2.21 16.07
C TRP A 248 1.35 -1.69 15.97
N TYR A 249 1.15 -0.47 16.44
CA TYR A 249 -0.15 0.18 16.38
C TYR A 249 -0.03 1.49 15.63
N LEU A 250 -1.07 1.82 14.89
CA LEU A 250 -1.24 3.16 14.35
C LEU A 250 -1.98 4.01 15.38
N ALA A 251 -1.36 5.11 15.77
CA ALA A 251 -1.93 6.00 16.78
C ALA A 251 -2.38 7.29 16.13
N LEU A 252 -3.61 7.70 16.43
CA LEU A 252 -4.08 9.04 16.11
C LEU A 252 -4.02 9.90 17.36
N SER A 253 -3.56 11.14 17.20
CA SER A 253 -3.46 12.12 18.28
C SER A 253 -4.23 13.37 17.84
N ILE A 254 -5.37 13.61 18.47
CA ILE A 254 -6.37 14.55 17.98
C ILE A 254 -6.53 15.66 19.01
N ASP A 255 -6.57 16.91 18.53
CA ASP A 255 -6.86 18.05 19.39
C ASP A 255 -8.32 17.99 19.82
N LYS A 256 -8.55 17.78 21.11
CA LYS A 256 -9.91 17.52 21.59
C LYS A 256 -10.82 18.72 21.41
N ASP A 257 -10.40 19.89 21.89
CA ASP A 257 -11.24 21.08 21.75
C ASP A 257 -11.53 21.37 20.29
N LYS A 258 -10.56 21.15 19.40
N LYS A 258 -10.55 21.17 19.40
CA LYS A 258 -10.76 21.43 17.99
CA LYS A 258 -10.76 21.43 17.99
C LYS A 258 -11.75 20.45 17.37
C LYS A 258 -11.76 20.45 17.38
N ALA A 259 -11.68 19.17 17.75
CA ALA A 259 -12.58 18.18 17.19
C ALA A 259 -14.02 18.39 17.66
N TYR A 260 -14.21 18.71 18.95
CA TYR A 260 -15.55 18.93 19.45
C TYR A 260 -16.19 20.17 18.85
N ALA A 261 -15.39 21.22 18.63
CA ALA A 261 -15.95 22.43 18.04
C ALA A 261 -16.33 22.20 16.58
N MET A 262 -15.50 21.47 15.83
CA MET A 262 -15.78 21.25 14.43
C MET A 262 -17.03 20.41 14.23
N LEU A 263 -17.25 19.42 15.11
CA LEU A 263 -18.46 18.62 15.09
C LEU A 263 -19.59 19.25 15.89
N SER A 264 -19.58 20.57 16.05
CA SER A 264 -20.59 21.30 16.81
C SER A 264 -20.66 20.82 18.25
N ALA B 29 -27.10 26.16 5.33
CA ALA B 29 -26.19 26.14 4.18
C ALA B 29 -24.93 25.34 4.49
N ILE B 30 -25.12 24.20 5.16
CA ILE B 30 -24.02 23.33 5.53
C ILE B 30 -23.80 22.23 4.50
N ARG B 31 -24.36 22.38 3.29
CA ARG B 31 -24.03 21.49 2.20
C ARG B 31 -22.52 21.45 1.96
N GLU B 32 -21.79 22.46 2.42
CA GLU B 32 -20.33 22.39 2.42
C GLU B 32 -19.83 21.29 3.34
N ASP B 33 -20.52 21.03 4.45
CA ASP B 33 -20.15 19.92 5.31
C ASP B 33 -20.26 18.60 4.56
N LEU B 34 -21.36 18.40 3.84
CA LEU B 34 -21.52 17.21 3.03
C LEU B 34 -20.45 17.14 1.95
N GLU B 35 -20.11 18.28 1.33
CA GLU B 35 -19.02 18.31 0.37
C GLU B 35 -17.70 17.97 1.04
N SER B 36 -17.48 18.49 2.25
CA SER B 36 -16.26 18.16 2.99
C SER B 36 -16.21 16.69 3.38
N TYR B 37 -17.37 16.08 3.63
N TYR B 37 -17.37 16.08 3.63
CA TYR B 37 -17.41 14.66 3.98
CA TYR B 37 -17.38 14.66 3.98
C TYR B 37 -17.07 13.79 2.78
C TYR B 37 -17.05 13.80 2.76
N LEU B 38 -17.71 14.07 1.63
CA LEU B 38 -17.42 13.30 0.43
C LEU B 38 -16.00 13.54 -0.08
N ARG B 39 -15.46 14.74 0.13
N ARG B 39 -15.46 14.74 0.12
CA ARG B 39 -14.08 15.01 -0.26
CA ARG B 39 -14.07 14.99 -0.27
C ARG B 39 -13.10 14.16 0.54
C ARG B 39 -13.11 14.14 0.54
N GLU B 40 -13.33 14.05 1.86
CA GLU B 40 -12.47 13.23 2.69
C GLU B 40 -12.64 11.75 2.39
N MET B 41 -13.88 11.29 2.22
CA MET B 41 -14.11 9.90 1.89
C MET B 41 -13.54 9.54 0.52
N GLY B 42 -13.44 10.52 -0.38
CA GLY B 42 -12.79 10.27 -1.65
C GLY B 42 -11.28 10.12 -1.50
N ASP B 43 -10.66 11.03 -0.73
CA ASP B 43 -9.22 10.92 -0.49
C ASP B 43 -8.90 9.66 0.29
N VAL B 44 -9.84 9.21 1.13
CA VAL B 44 -9.60 8.03 1.95
C VAL B 44 -9.61 6.78 1.10
N THR B 45 -10.67 6.60 0.30
CA THR B 45 -10.75 5.39 -0.50
C THR B 45 -9.71 5.41 -1.62
N SER B 46 -9.37 6.59 -2.13
CA SER B 46 -8.29 6.68 -3.11
C SER B 46 -6.94 6.33 -2.50
N SER B 47 -6.71 6.74 -1.26
CA SER B 47 -5.50 6.32 -0.56
C SER B 47 -5.44 4.80 -0.45
N ASN B 48 -6.59 4.16 -0.23
CA ASN B 48 -6.61 2.72 0.01
C ASN B 48 -6.17 1.95 -1.22
N ILE B 49 -6.75 2.28 -2.39
CA ILE B 49 -6.44 1.50 -3.59
C ILE B 49 -5.02 1.76 -4.06
N GLN B 50 -4.52 2.98 -3.92
CA GLN B 50 -3.17 3.31 -4.37
C GLN B 50 -2.12 2.47 -3.65
N ASN B 51 -2.22 2.38 -2.32
CA ASN B 51 -1.27 1.59 -1.55
C ASN B 51 -1.51 0.09 -1.67
N TRP B 52 -2.74 -0.34 -1.97
CA TRP B 52 -2.97 -1.76 -2.25
C TRP B 52 -2.31 -2.17 -3.56
N LEU B 53 -2.27 -1.27 -4.55
CA LEU B 53 -1.69 -1.54 -5.85
C LEU B 53 -0.18 -1.33 -5.92
N GLY B 54 0.36 -0.41 -5.12
CA GLY B 54 1.75 0.01 -5.29
C GLY B 54 2.74 -1.13 -5.12
N GLY B 55 2.57 -1.94 -4.08
CA GLY B 55 3.47 -3.07 -3.88
C GLY B 55 3.39 -4.07 -5.00
N ARG B 56 2.17 -4.34 -5.49
CA ARG B 56 1.97 -5.28 -6.60
C ARG B 56 2.72 -4.83 -7.84
N LEU B 57 2.62 -3.55 -8.18
CA LEU B 57 3.29 -3.03 -9.36
C LEU B 57 4.80 -3.16 -9.25
N LEU B 58 5.37 -2.86 -8.08
CA LEU B 58 6.81 -2.99 -7.90
C LEU B 58 7.27 -4.43 -8.10
N LEU B 59 6.46 -5.41 -7.69
CA LEU B 59 6.84 -6.80 -7.88
C LEU B 59 6.89 -7.17 -9.36
N VAL B 60 5.94 -6.66 -10.14
CA VAL B 60 5.99 -6.86 -11.59
C VAL B 60 7.24 -6.23 -12.17
N GLU B 61 7.58 -5.02 -11.71
N GLU B 61 7.56 -5.00 -11.73
CA GLU B 61 8.74 -4.31 -12.23
CA GLU B 61 8.76 -4.32 -12.22
C GLU B 61 10.04 -5.06 -11.91
C GLU B 61 10.01 -5.13 -11.93
N GLN B 62 10.19 -5.51 -10.66
CA GLN B 62 11.39 -6.24 -10.27
C GLN B 62 11.51 -7.57 -11.00
N THR B 63 10.37 -8.23 -11.25
CA THR B 63 10.39 -9.48 -12.00
C THR B 63 10.91 -9.26 -13.42
N ALA B 64 10.43 -8.21 -14.09
CA ALA B 64 10.88 -7.93 -15.44
C ALA B 64 12.35 -7.54 -15.47
N GLN B 65 12.83 -6.82 -14.45
CA GLN B 65 14.23 -6.44 -14.43
C GLN B 65 15.12 -7.66 -14.22
N THR B 66 14.68 -8.63 -13.42
CA THR B 66 15.45 -9.85 -13.25
C THR B 66 15.51 -10.65 -14.54
N LEU B 67 14.36 -10.78 -15.23
CA LEU B 67 14.33 -11.55 -16.47
C LEU B 67 15.09 -10.88 -17.60
N ALA B 68 15.32 -9.57 -17.53
CA ALA B 68 16.14 -8.90 -18.53
C ALA B 68 17.56 -9.43 -18.51
N ARG B 69 18.08 -9.80 -17.33
N ARG B 69 18.07 -9.82 -17.33
CA ARG B 69 19.41 -10.37 -17.21
CA ARG B 69 19.41 -10.37 -17.22
C ARG B 69 19.43 -11.87 -17.45
C ARG B 69 19.44 -11.89 -17.44
N ASP B 70 18.40 -12.59 -16.99
CA ASP B 70 18.35 -14.04 -17.13
C ASP B 70 16.90 -14.47 -17.35
N HIS B 71 16.60 -14.94 -18.55
CA HIS B 71 15.27 -15.40 -18.88
C HIS B 71 15.29 -16.85 -19.36
N SER B 72 16.20 -17.65 -18.79
CA SER B 72 16.21 -19.08 -19.07
C SER B 72 14.92 -19.72 -18.55
N PRO B 73 14.45 -20.80 -19.19
CA PRO B 73 13.16 -21.40 -18.78
C PRO B 73 13.10 -21.76 -17.30
N GLU B 74 14.17 -22.32 -16.74
N GLU B 74 14.17 -22.32 -16.74
CA GLU B 74 14.19 -22.65 -15.33
CA GLU B 74 14.17 -22.65 -15.32
C GLU B 74 14.08 -21.40 -14.47
C GLU B 74 14.10 -21.41 -14.46
N THR B 75 14.73 -20.32 -14.90
CA THR B 75 14.63 -19.06 -14.17
C THR B 75 13.22 -18.50 -14.26
N VAL B 76 12.65 -18.50 -15.47
CA VAL B 76 11.28 -18.01 -15.66
C VAL B 76 10.32 -18.73 -14.74
N SER B 77 10.33 -20.08 -14.78
CA SER B 77 9.42 -20.85 -13.94
C SER B 77 9.63 -20.57 -12.46
N ALA B 78 10.89 -20.51 -12.02
CA ALA B 78 11.19 -20.28 -10.61
C ALA B 78 10.66 -18.92 -10.15
N LEU B 79 10.85 -17.88 -10.95
CA LEU B 79 10.39 -16.55 -10.55
C LEU B 79 8.87 -16.51 -10.45
N LEU B 80 8.19 -17.08 -11.44
CA LEU B 80 6.73 -17.01 -11.49
C LEU B 80 6.09 -17.83 -10.38
N GLU B 81 6.82 -18.81 -9.81
CA GLU B 81 6.30 -19.67 -8.76
C GLU B 81 6.57 -19.13 -7.37
N GLN B 82 7.36 -18.07 -7.24
N GLN B 82 7.35 -18.07 -7.23
CA GLN B 82 7.67 -17.53 -5.93
CA GLN B 82 7.68 -17.58 -5.90
C GLN B 82 6.38 -17.04 -5.25
C GLN B 82 6.45 -16.97 -5.23
N PRO B 83 6.24 -17.24 -3.94
CA PRO B 83 5.00 -16.82 -3.27
C PRO B 83 4.77 -15.31 -3.27
N ALA B 84 5.79 -14.49 -3.51
CA ALA B 84 5.56 -13.06 -3.56
C ALA B 84 4.60 -12.69 -4.68
N LEU B 85 4.61 -13.45 -5.79
CA LEU B 85 3.73 -13.19 -6.93
C LEU B 85 2.44 -14.00 -6.87
N THR B 86 2.50 -15.27 -6.45
CA THR B 86 1.27 -16.06 -6.40
C THR B 86 0.30 -15.55 -5.34
N SER B 87 0.77 -14.76 -4.37
CA SER B 87 -0.09 -14.24 -3.30
C SER B 87 -0.72 -12.90 -3.65
N THR B 88 -0.22 -12.19 -4.67
CA THR B 88 -0.69 -10.86 -4.97
C THR B 88 -1.45 -10.75 -6.27
N PHE B 89 -1.38 -11.76 -7.14
CA PHE B 89 -2.08 -11.77 -8.41
C PHE B 89 -2.78 -13.13 -8.58
N SER B 90 -3.85 -13.13 -9.39
CA SER B 90 -4.48 -14.40 -9.77
C SER B 90 -3.50 -15.27 -10.54
N PHE B 91 -2.83 -14.69 -11.53
CA PHE B 91 -1.75 -15.34 -12.28
C PHE B 91 -0.69 -14.30 -12.59
N THR B 92 0.54 -14.77 -12.82
CA THR B 92 1.59 -13.95 -13.40
C THR B 92 2.25 -14.74 -14.51
N TYR B 93 2.80 -14.05 -15.50
CA TYR B 93 3.27 -14.75 -16.68
C TYR B 93 4.30 -13.92 -17.44
N LEU B 94 5.01 -14.61 -18.33
CA LEU B 94 5.90 -13.99 -19.30
C LEU B 94 5.47 -14.43 -20.69
N GLY B 95 5.16 -13.47 -21.55
CA GLY B 95 5.01 -13.72 -22.97
C GLY B 95 6.24 -13.17 -23.67
N GLN B 96 6.90 -14.01 -24.45
CA GLN B 96 8.16 -13.64 -25.08
C GLN B 96 7.94 -13.17 -26.52
N GLN B 97 8.98 -12.50 -27.05
N GLN B 97 8.97 -12.49 -27.06
CA GLN B 97 8.91 -11.92 -28.38
CA GLN B 97 8.86 -11.91 -28.39
C GLN B 97 8.65 -12.98 -29.45
C GLN B 97 8.76 -12.96 -29.50
N ASP B 98 9.09 -14.21 -29.21
CA ASP B 98 8.89 -15.31 -30.16
C ASP B 98 7.57 -16.05 -29.96
N GLY B 99 6.70 -15.55 -29.09
CA GLY B 99 5.40 -16.16 -28.84
C GLY B 99 5.34 -17.11 -27.67
N VAL B 100 6.47 -17.48 -27.08
CA VAL B 100 6.47 -18.48 -26.01
C VAL B 100 5.84 -17.90 -24.75
N PHE B 101 5.01 -18.69 -24.08
CA PHE B 101 4.22 -18.20 -22.94
C PHE B 101 4.42 -19.12 -21.75
N THR B 102 4.71 -18.52 -20.59
CA THR B 102 4.90 -19.25 -19.34
C THR B 102 4.06 -18.57 -18.27
N MET B 103 3.23 -19.35 -17.56
CA MET B 103 2.28 -18.79 -16.60
C MET B 103 2.18 -19.65 -15.35
N ARG B 104 2.17 -18.98 -14.18
CA ARG B 104 1.89 -19.63 -12.91
C ARG B 104 0.87 -18.89 -12.04
N PRO B 105 0.07 -19.64 -11.28
CA PRO B 105 0.05 -21.12 -11.23
C PRO B 105 -0.47 -21.74 -12.53
N ASP B 106 -0.34 -23.06 -12.64
CA ASP B 106 -0.76 -23.75 -13.85
C ASP B 106 -2.20 -23.45 -14.18
N SER B 107 -2.50 -23.35 -15.47
CA SER B 107 -3.85 -23.22 -15.96
C SER B 107 -3.93 -23.94 -17.30
N PRO B 108 -5.04 -24.62 -17.60
CA PRO B 108 -5.21 -25.15 -18.95
C PRO B 108 -5.17 -24.02 -19.97
N MET B 109 -4.59 -24.31 -21.14
CA MET B 109 -4.32 -23.26 -22.12
C MET B 109 -5.33 -23.32 -23.25
N PRO B 110 -5.94 -22.19 -23.61
CA PRO B 110 -6.85 -22.18 -24.76
C PRO B 110 -6.08 -22.32 -26.06
N ALA B 111 -6.72 -22.92 -27.06
CA ALA B 111 -6.07 -23.13 -28.34
C ALA B 111 -5.92 -21.80 -29.09
N GLY B 112 -4.88 -21.73 -29.91
CA GLY B 112 -4.66 -20.54 -30.72
C GLY B 112 -4.18 -19.32 -29.97
N TYR B 113 -3.62 -19.50 -28.78
CA TYR B 113 -3.19 -18.38 -27.95
C TYR B 113 -1.84 -17.86 -28.41
N ASP B 114 -1.73 -16.53 -28.51
CA ASP B 114 -0.47 -15.85 -28.77
C ASP B 114 -0.39 -14.66 -27.82
N PRO B 115 0.54 -14.65 -26.86
CA PRO B 115 0.59 -13.51 -25.93
C PRO B 115 0.83 -12.17 -26.61
N ARG B 116 1.48 -12.17 -27.78
CA ARG B 116 1.79 -10.90 -28.44
C ARG B 116 0.55 -10.19 -28.97
N SER B 117 -0.57 -10.88 -29.13
CA SER B 117 -1.79 -10.25 -29.62
C SER B 117 -2.67 -9.71 -28.49
N ARG B 118 -2.35 -10.00 -27.22
CA ARG B 118 -3.21 -9.72 -26.08
C ARG B 118 -3.14 -8.26 -25.66
N PRO B 119 -4.20 -7.74 -25.02
CA PRO B 119 -4.21 -6.32 -24.65
C PRO B 119 -3.11 -5.93 -23.67
N TRP B 120 -2.73 -6.82 -22.75
CA TRP B 120 -1.68 -6.47 -21.79
C TRP B 120 -0.32 -6.40 -22.46
N TYR B 121 -0.09 -7.23 -23.48
CA TYR B 121 1.17 -7.18 -24.20
C TYR B 121 1.29 -5.87 -24.99
N LYS B 122 0.23 -5.51 -25.72
CA LYS B 122 0.28 -4.31 -26.55
C LYS B 122 0.29 -3.04 -25.70
N ASP B 123 -0.46 -3.03 -24.59
CA ASP B 123 -0.46 -1.86 -23.72
C ASP B 123 0.91 -1.61 -23.11
N ALA B 124 1.58 -2.67 -22.65
CA ALA B 124 2.90 -2.50 -22.07
C ALA B 124 3.89 -1.99 -23.10
N VAL B 125 3.88 -2.57 -24.31
CA VAL B 125 4.81 -2.14 -25.34
C VAL B 125 4.53 -0.69 -25.73
N ALA B 126 3.25 -0.31 -25.82
CA ALA B 126 2.93 1.06 -26.19
C ALA B 126 3.32 2.04 -25.09
N ALA B 127 3.18 1.63 -23.84
CA ALA B 127 3.57 2.50 -22.74
C ALA B 127 5.07 2.60 -22.58
N GLY B 128 5.82 1.65 -23.14
CA GLY B 128 7.27 1.66 -22.93
C GLY B 128 7.67 1.41 -21.49
N GLY B 129 6.77 0.86 -20.70
CA GLY B 129 7.04 0.66 -19.29
C GLY B 129 5.81 0.06 -18.63
N LEU B 130 5.74 0.23 -17.31
CA LEU B 130 4.67 -0.35 -16.53
C LEU B 130 3.34 0.34 -16.81
N THR B 131 2.27 -0.46 -16.92
CA THR B 131 0.94 0.11 -17.06
C THR B 131 -0.09 -0.90 -16.57
N LEU B 132 -1.33 -0.42 -16.43
CA LEU B 132 -2.47 -1.26 -16.07
C LEU B 132 -3.46 -1.25 -17.22
N THR B 133 -3.97 -2.42 -17.59
CA THR B 133 -4.98 -2.46 -18.64
C THR B 133 -6.34 -2.08 -18.08
N GLU B 134 -7.21 -1.62 -18.98
CA GLU B 134 -8.63 -1.61 -18.69
C GLU B 134 -9.15 -3.05 -18.72
N PRO B 135 -10.35 -3.30 -18.21
CA PRO B 135 -10.92 -4.66 -18.26
C PRO B 135 -10.94 -5.20 -19.69
N TYR B 136 -10.55 -6.47 -19.82
CA TYR B 136 -10.58 -7.16 -21.10
C TYR B 136 -10.95 -8.62 -20.85
N VAL B 137 -11.49 -9.27 -21.88
CA VAL B 137 -11.96 -10.64 -21.76
C VAL B 137 -10.77 -11.59 -21.68
N ASP B 138 -10.61 -12.27 -20.55
CA ASP B 138 -9.52 -13.21 -20.38
C ASP B 138 -9.64 -14.34 -21.39
N ALA B 139 -8.52 -14.75 -21.97
CA ALA B 139 -8.55 -15.74 -23.05
C ALA B 139 -8.92 -17.13 -22.54
N ALA B 140 -8.64 -17.42 -21.26
CA ALA B 140 -8.91 -18.73 -20.70
C ALA B 140 -10.28 -18.82 -20.04
N THR B 141 -10.62 -17.84 -19.21
CA THR B 141 -11.86 -17.90 -18.45
C THR B 141 -13.03 -17.21 -19.14
N GLN B 142 -12.77 -16.43 -20.19
N GLN B 142 -12.77 -16.43 -20.19
CA GLN B 142 -13.79 -15.67 -20.90
CA GLN B 142 -13.79 -15.67 -20.90
C GLN B 142 -14.47 -14.65 -20.00
C GLN B 142 -14.47 -14.63 -20.02
N GLU B 143 -13.82 -14.23 -18.93
CA GLU B 143 -14.33 -13.23 -18.02
C GLU B 143 -13.45 -11.99 -18.08
N LEU B 144 -14.00 -10.87 -17.60
CA LEU B 144 -13.23 -9.64 -17.54
C LEU B 144 -12.13 -9.74 -16.50
N ILE B 145 -10.98 -9.16 -16.82
CA ILE B 145 -9.81 -9.19 -15.94
C ILE B 145 -9.02 -7.91 -16.19
N ILE B 146 -8.26 -7.48 -15.18
CA ILE B 146 -7.35 -6.35 -15.29
C ILE B 146 -5.92 -6.86 -15.08
N THR B 147 -4.97 -6.31 -15.83
CA THR B 147 -3.59 -6.80 -15.78
C THR B 147 -2.61 -5.65 -15.59
N ALA B 148 -1.63 -5.86 -14.73
CA ALA B 148 -0.47 -4.99 -14.59
C ALA B 148 0.68 -5.59 -15.40
N ALA B 149 1.27 -4.80 -16.28
CA ALA B 149 2.25 -5.35 -17.20
C ALA B 149 3.35 -4.34 -17.50
N THR B 150 4.54 -4.86 -17.83
CA THR B 150 5.68 -4.02 -18.22
C THR B 150 6.55 -4.78 -19.22
N PRO B 151 7.17 -4.10 -20.18
CA PRO B 151 8.07 -4.79 -21.11
C PRO B 151 9.31 -5.29 -20.40
N VAL B 152 9.89 -6.37 -20.94
CA VAL B 152 11.22 -6.84 -20.55
C VAL B 152 12.18 -6.39 -21.63
N LYS B 153 13.05 -5.45 -21.30
CA LYS B 153 13.95 -4.84 -22.28
C LYS B 153 15.39 -5.05 -21.86
N ALA B 154 16.22 -5.51 -22.80
CA ALA B 154 17.65 -5.65 -22.57
C ALA B 154 18.37 -4.97 -23.73
N ALA B 155 19.09 -3.89 -23.43
CA ALA B 155 19.88 -3.18 -24.44
C ALA B 155 19.02 -2.76 -25.62
N GLY B 156 17.84 -2.22 -25.35
CA GLY B 156 16.94 -1.75 -26.38
C GLY B 156 16.13 -2.84 -27.07
N ASN B 157 16.35 -4.11 -26.74
CA ASN B 157 15.64 -5.21 -27.34
C ASN B 157 14.53 -5.64 -26.39
N THR B 158 13.29 -5.59 -26.87
CA THR B 158 12.14 -6.04 -26.08
C THR B 158 12.09 -7.56 -26.14
N LEU B 159 12.37 -8.21 -25.01
CA LEU B 159 12.37 -9.67 -24.97
C LEU B 159 10.98 -10.25 -24.78
N GLY B 160 10.05 -9.45 -24.29
CA GLY B 160 8.75 -9.94 -23.93
C GLY B 160 8.07 -8.97 -22.98
N VAL B 161 6.99 -9.44 -22.36
CA VAL B 161 6.18 -8.66 -21.43
C VAL B 161 5.80 -9.54 -20.25
N VAL B 162 5.99 -9.04 -19.03
CA VAL B 162 5.51 -9.68 -17.81
C VAL B 162 4.15 -9.09 -17.49
N GLY B 163 3.21 -9.95 -17.11
CA GLY B 163 1.89 -9.49 -16.70
C GLY B 163 1.47 -10.15 -15.40
N GLY B 164 0.61 -9.43 -14.67
CA GLY B 164 -0.03 -9.97 -13.47
C GLY B 164 -1.51 -9.64 -13.42
N ASP B 165 -2.36 -10.65 -13.25
CA ASP B 165 -3.80 -10.46 -13.39
C ASP B 165 -4.45 -10.08 -12.06
N LEU B 166 -5.37 -9.12 -12.10
CA LEU B 166 -6.11 -8.67 -10.93
C LEU B 166 -7.61 -8.81 -11.18
N SER B 167 -8.30 -9.45 -10.23
CA SER B 167 -9.74 -9.70 -10.37
C SER B 167 -10.54 -8.43 -10.14
N LEU B 168 -11.53 -8.19 -11.02
CA LEU B 168 -12.40 -7.03 -10.86
C LEU B 168 -13.19 -7.12 -9.57
N LYS B 169 -13.60 -8.34 -9.19
N LYS B 169 -13.61 -8.33 -9.19
CA LYS B 169 -14.38 -8.51 -7.97
CA LYS B 169 -14.39 -8.47 -7.96
C LYS B 169 -13.57 -8.11 -6.74
C LYS B 169 -13.56 -8.09 -6.74
N THR B 170 -12.27 -8.42 -6.74
CA THR B 170 -11.41 -8.02 -5.62
C THR B 170 -11.28 -6.51 -5.54
N LEU B 171 -11.22 -5.83 -6.69
CA LEU B 171 -11.03 -4.39 -6.66
C LEU B 171 -12.29 -3.66 -6.20
N VAL B 172 -13.47 -4.18 -6.55
CA VAL B 172 -14.72 -3.59 -6.04
C VAL B 172 -14.71 -3.61 -4.52
N GLN B 173 -14.31 -4.74 -3.91
CA GLN B 173 -14.35 -4.85 -2.45
C GLN B 173 -13.31 -3.96 -1.79
N ILE B 174 -12.16 -3.74 -2.43
CA ILE B 174 -11.17 -2.83 -1.87
C ILE B 174 -11.73 -1.42 -1.78
N ILE B 175 -12.22 -0.89 -2.91
CA ILE B 175 -12.72 0.48 -2.95
C ILE B 175 -14.07 0.65 -2.29
N ASN B 176 -14.78 -0.44 -2.01
CA ASN B 176 -16.04 -0.38 -1.26
C ASN B 176 -15.91 -0.99 0.12
N SER B 177 -14.73 -0.88 0.68
CA SER B 177 -14.43 -1.34 2.01
C SER B 177 -15.09 -0.53 3.10
N LEU B 178 -15.22 0.77 2.89
CA LEU B 178 -15.89 1.64 3.84
C LEU B 178 -17.34 1.29 3.85
N ASP B 179 -17.95 1.45 5.01
CA ASP B 179 -19.31 1.02 5.14
C ASP B 179 -20.33 1.69 4.26
N PHE B 180 -20.21 3.02 4.10
CA PHE B 180 -21.04 3.95 3.30
C PHE B 180 -22.38 4.35 3.95
N SER B 181 -22.74 3.66 5.03
CA SER B 181 -23.96 3.77 5.81
C SER B 181 -25.23 3.41 5.02
N GLY B 182 -25.11 2.68 3.93
CA GLY B 182 -26.20 2.35 3.05
C GLY B 182 -26.49 3.50 2.08
N MET B 183 -25.71 4.57 2.12
CA MET B 183 -25.90 5.76 1.29
C MET B 183 -25.49 5.53 -0.16
N GLY B 184 -24.57 4.61 -0.43
CA GLY B 184 -24.13 4.38 -1.79
C GLY B 184 -22.99 3.42 -1.97
N TYR B 185 -22.07 3.74 -2.89
CA TYR B 185 -21.00 2.84 -3.27
C TYR B 185 -19.92 3.64 -3.98
N ALA B 186 -18.78 2.99 -4.23
CA ALA B 186 -17.68 3.57 -4.97
C ALA B 186 -17.39 2.74 -6.21
N PHE B 187 -16.92 3.42 -7.26
CA PHE B 187 -16.54 2.72 -8.49
C PHE B 187 -15.35 3.42 -9.13
N LEU B 188 -14.67 2.69 -10.01
CA LEU B 188 -13.50 3.20 -10.71
C LEU B 188 -13.87 3.57 -12.14
N VAL B 189 -13.35 4.71 -12.59
CA VAL B 189 -13.65 5.22 -13.92
C VAL B 189 -12.39 5.86 -14.48
N SER B 190 -12.18 5.70 -15.79
CA SER B 190 -11.03 6.29 -16.46
C SER B 190 -11.26 7.77 -16.69
N GLY B 191 -10.18 8.47 -17.05
CA GLY B 191 -10.28 9.89 -17.33
C GLY B 191 -11.22 10.22 -18.46
N ASP B 192 -11.45 9.27 -19.37
CA ASP B 192 -12.36 9.48 -20.49
C ASP B 192 -13.79 9.01 -20.18
N GLY B 193 -14.07 8.64 -18.94
CA GLY B 193 -15.41 8.30 -18.53
C GLY B 193 -15.80 6.83 -18.66
N LYS B 194 -14.83 5.94 -18.86
CA LYS B 194 -15.11 4.51 -18.97
C LYS B 194 -15.11 3.88 -17.58
N ILE B 195 -16.25 3.34 -17.18
CA ILE B 195 -16.37 2.68 -15.87
C ILE B 195 -15.64 1.35 -15.92
N LEU B 196 -14.63 1.20 -15.07
CA LEU B 196 -13.75 0.04 -15.09
C LEU B 196 -14.15 -1.02 -14.07
N VAL B 197 -14.59 -0.59 -12.89
N VAL B 197 -14.41 -0.63 -12.83
CA VAL B 197 -14.83 -1.45 -11.73
CA VAL B 197 -14.90 -1.55 -11.83
C VAL B 197 -16.05 -0.90 -10.99
C VAL B 197 -16.12 -0.91 -11.17
N HIS B 198 -17.07 -1.75 -10.78
CA HIS B 198 -18.35 -1.25 -10.29
C HIS B 198 -19.11 -2.36 -9.56
N PRO B 199 -19.81 -2.04 -8.47
CA PRO B 199 -20.60 -3.07 -7.78
C PRO B 199 -21.64 -3.74 -8.66
N ASP B 200 -22.33 -2.98 -9.51
CA ASP B 200 -23.25 -3.56 -10.48
C ASP B 200 -22.47 -3.97 -11.71
N LYS B 201 -22.44 -5.27 -11.99
N LYS B 201 -22.47 -5.28 -12.01
CA LYS B 201 -21.63 -5.80 -13.07
CA LYS B 201 -21.71 -5.77 -13.16
C LYS B 201 -22.12 -5.37 -14.44
C LYS B 201 -22.31 -5.35 -14.49
N GLU B 202 -23.41 -5.04 -14.58
N GLU B 202 -23.59 -5.00 -14.52
CA GLU B 202 -23.96 -4.66 -15.86
CA GLU B 202 -24.21 -4.56 -15.77
C GLU B 202 -23.60 -3.24 -16.28
C GLU B 202 -23.69 -3.21 -16.24
N GLN B 203 -23.02 -2.45 -15.39
CA GLN B 203 -22.53 -1.12 -15.74
C GLN B 203 -21.05 -1.10 -16.06
N VAL B 204 -20.34 -2.21 -15.85
CA VAL B 204 -18.91 -2.25 -16.14
C VAL B 204 -18.69 -2.08 -17.63
N MET B 205 -17.67 -1.29 -17.98
CA MET B 205 -17.28 -0.93 -19.34
C MET B 205 -18.34 -0.09 -20.05
N LYS B 206 -19.37 0.35 -19.35
CA LYS B 206 -20.20 1.44 -19.83
C LYS B 206 -19.53 2.78 -19.53
N THR B 207 -19.89 3.79 -20.31
CA THR B 207 -19.41 5.14 -20.08
C THR B 207 -20.38 5.91 -19.20
N LEU B 208 -19.89 7.01 -18.63
CA LEU B 208 -20.77 7.89 -17.86
C LEU B 208 -21.88 8.46 -18.71
N SER B 209 -21.61 8.73 -20.00
CA SER B 209 -22.66 9.22 -20.88
C SER B 209 -23.72 8.15 -21.13
N GLU B 210 -23.34 6.87 -21.06
CA GLU B 210 -24.33 5.80 -21.22
C GLU B 210 -25.21 5.69 -19.98
N VAL B 211 -24.62 5.75 -18.79
CA VAL B 211 -25.41 5.62 -17.56
C VAL B 211 -26.23 6.87 -17.32
N TYR B 212 -25.69 8.04 -17.65
CA TYR B 212 -26.41 9.30 -17.47
C TYR B 212 -26.47 10.00 -18.82
N PRO B 213 -27.40 9.62 -19.73
CA PRO B 213 -27.43 10.26 -21.07
C PRO B 213 -27.73 11.77 -20.96
N GLN B 214 -28.80 12.26 -20.35
N GLN B 214 -28.80 12.26 -20.34
CA GLN B 214 -28.99 13.69 -20.17
CA GLN B 214 -29.00 13.69 -20.16
C GLN B 214 -28.38 14.15 -18.85
C GLN B 214 -28.40 14.14 -18.84
N ASN B 215 -27.69 15.28 -18.89
CA ASN B 215 -26.96 15.82 -17.75
C ASN B 215 -25.95 14.79 -17.22
N THR B 216 -24.91 14.60 -18.00
CA THR B 216 -23.87 13.65 -17.64
C THR B 216 -22.90 14.29 -16.64
N PRO B 217 -22.56 13.62 -15.55
CA PRO B 217 -21.62 14.20 -14.59
C PRO B 217 -20.24 14.36 -15.21
N LYS B 218 -19.63 15.53 -14.96
N LYS B 218 -19.64 15.53 -14.97
CA LYS B 218 -18.30 15.83 -15.45
CA LYS B 218 -18.30 15.83 -15.45
C LYS B 218 -17.26 15.37 -14.44
C LYS B 218 -17.27 15.36 -14.44
N ILE B 219 -16.21 14.72 -14.93
CA ILE B 219 -15.10 14.33 -14.06
C ILE B 219 -14.29 15.57 -13.74
N ALA B 220 -14.79 16.38 -12.80
CA ALA B 220 -14.14 17.61 -12.38
C ALA B 220 -13.93 17.56 -10.87
N THR B 221 -13.17 18.54 -10.38
CA THR B 221 -12.82 18.60 -8.96
C THR B 221 -13.93 19.18 -8.10
N GLY B 222 -15.19 18.85 -8.41
CA GLY B 222 -16.31 19.31 -7.61
C GLY B 222 -17.32 18.22 -7.33
N PHE B 223 -18.60 18.54 -7.48
CA PHE B 223 -19.67 17.59 -7.23
C PHE B 223 -20.76 17.78 -8.28
N SER B 224 -21.33 16.66 -8.72
CA SER B 224 -22.41 16.68 -9.71
C SER B 224 -23.59 15.89 -9.16
N GLU B 225 -24.75 16.10 -9.77
CA GLU B 225 -25.96 15.38 -9.39
C GLU B 225 -26.68 14.93 -10.65
N ALA B 226 -27.11 13.66 -10.66
CA ALA B 226 -27.78 13.08 -11.81
C ALA B 226 -28.77 12.03 -11.33
N GLU B 227 -29.57 11.52 -12.26
CA GLU B 227 -30.66 10.59 -11.95
C GLU B 227 -30.25 9.18 -12.34
N LEU B 228 -30.49 8.23 -11.43
CA LEU B 228 -30.20 6.82 -11.70
C LEU B 228 -31.33 5.97 -11.10
N HIS B 229 -32.01 5.22 -11.97
CA HIS B 229 -33.13 4.35 -11.58
C HIS B 229 -34.25 5.10 -10.89
N GLY B 230 -34.36 6.41 -11.12
CA GLY B 230 -35.42 7.21 -10.56
C GLY B 230 -35.06 8.00 -9.31
N HIS B 231 -33.82 7.92 -8.85
CA HIS B 231 -33.39 8.63 -7.65
C HIS B 231 -32.24 9.57 -7.97
N THR B 232 -32.20 10.69 -7.26
CA THR B 232 -31.14 11.68 -7.44
C THR B 232 -29.92 11.26 -6.64
N ARG B 233 -28.74 11.28 -7.28
CA ARG B 233 -27.50 10.86 -6.65
C ARG B 233 -26.44 11.93 -6.81
N ILE B 234 -25.54 12.00 -5.83
CA ILE B 234 -24.38 12.87 -5.87
C ILE B 234 -23.18 12.07 -6.31
N LEU B 235 -22.31 12.66 -7.12
CA LEU B 235 -21.10 12.00 -7.57
C LEU B 235 -19.90 12.93 -7.44
N ALA B 236 -18.80 12.39 -6.92
CA ALA B 236 -17.53 13.09 -6.79
C ALA B 236 -16.40 12.17 -7.24
N PHE B 237 -15.33 12.78 -7.75
CA PHE B 237 -14.22 12.03 -8.34
C PHE B 237 -12.91 12.47 -7.72
N THR B 238 -12.11 11.50 -7.31
CA THR B 238 -10.79 11.74 -6.73
C THR B 238 -9.74 11.08 -7.60
N PRO B 239 -8.69 11.79 -7.99
CA PRO B 239 -7.63 11.16 -8.78
C PRO B 239 -6.90 10.12 -7.96
N ILE B 240 -6.46 9.06 -8.63
CA ILE B 240 -5.67 8.02 -8.01
C ILE B 240 -4.22 8.22 -8.41
N LYS B 241 -3.39 8.58 -7.45
CA LYS B 241 -1.97 8.79 -7.69
C LYS B 241 -1.24 7.45 -7.75
N GLY B 242 -0.02 7.50 -8.30
CA GLY B 242 0.84 6.33 -8.38
C GLY B 242 0.46 5.34 -9.44
N LEU B 243 -0.57 5.60 -10.23
CA LEU B 243 -0.95 4.68 -11.28
C LEU B 243 -0.07 4.92 -12.51
N PRO B 244 0.50 3.89 -13.10
CA PRO B 244 1.45 4.08 -14.19
C PRO B 244 0.79 4.08 -15.56
N SER B 245 1.05 5.14 -16.34
CA SER B 245 0.64 5.26 -17.73
C SER B 245 -0.87 5.36 -17.91
N VAL B 246 -1.65 5.42 -16.83
CA VAL B 246 -3.09 5.55 -16.92
C VAL B 246 -3.54 6.72 -16.06
N THR B 247 -4.75 7.21 -16.36
CA THR B 247 -5.39 8.26 -15.59
C THR B 247 -6.76 7.75 -15.14
N TRP B 248 -6.82 7.19 -13.93
CA TRP B 248 -8.03 6.63 -13.37
C TRP B 248 -8.48 7.43 -12.15
N TYR B 249 -9.80 7.51 -11.98
CA TYR B 249 -10.39 8.27 -10.89
C TYR B 249 -11.22 7.35 -10.00
N LEU B 250 -11.28 7.69 -8.73
CA LEU B 250 -12.14 6.99 -7.80
C LEU B 250 -13.44 7.81 -7.68
N ALA B 251 -14.57 7.20 -7.99
CA ALA B 251 -15.86 7.85 -8.03
C ALA B 251 -16.73 7.38 -6.88
N LEU B 252 -17.46 8.31 -6.27
CA LEU B 252 -18.45 8.01 -5.24
C LEU B 252 -19.84 8.32 -5.77
N SER B 253 -20.79 7.43 -5.49
CA SER B 253 -22.18 7.59 -5.92
C SER B 253 -23.06 7.49 -4.69
N ILE B 254 -23.58 8.63 -4.23
CA ILE B 254 -24.28 8.72 -2.94
C ILE B 254 -25.74 9.06 -3.20
N ASP B 255 -26.64 8.34 -2.52
CA ASP B 255 -28.04 8.71 -2.51
C ASP B 255 -28.20 10.10 -1.92
N LYS B 256 -28.70 11.03 -2.73
CA LYS B 256 -28.77 12.43 -2.30
C LYS B 256 -29.74 12.62 -1.13
N ASP B 257 -30.90 11.96 -1.17
CA ASP B 257 -31.89 12.15 -0.11
C ASP B 257 -31.42 11.57 1.21
N LYS B 258 -30.79 10.39 1.18
N LYS B 258 -30.79 10.39 1.18
CA LYS B 258 -30.23 9.84 2.41
CA LYS B 258 -30.23 9.84 2.40
C LYS B 258 -29.05 10.66 2.93
C LYS B 258 -29.06 10.67 2.93
N ALA B 259 -28.32 11.33 2.04
CA ALA B 259 -27.17 12.12 2.45
C ALA B 259 -27.58 13.29 3.35
N TYR B 260 -28.64 14.02 2.97
CA TYR B 260 -29.07 15.14 3.81
C TYR B 260 -29.80 14.68 5.05
N ALA B 261 -30.50 13.55 4.98
CA ALA B 261 -31.27 13.11 6.13
C ALA B 261 -30.38 12.79 7.31
N MET B 262 -29.15 12.33 7.05
CA MET B 262 -28.19 12.06 8.12
C MET B 262 -27.41 13.32 8.48
N LEU B 263 -28.16 14.32 8.94
CA LEU B 263 -27.63 15.62 9.37
C LEU B 263 -26.53 16.17 8.47
#